data_9R4K
#
_entry.id   9R4K
#
_cell.length_a   106.787
_cell.length_b   106.787
_cell.length_c   126.898
_cell.angle_alpha   90.000
_cell.angle_beta   90.000
_cell.angle_gamma   120.000
#
_symmetry.space_group_name_H-M   'P 31 2 1'
#
loop_
_entity.id
_entity.type
_entity.pdbx_description
1 polymer 'Chains: A'
2 non-polymer GLYCEROL
3 non-polymer 'FORMIC ACID'
4 non-polymer 'SODIUM ION'
5 water water
#
_entity_poly.entity_id   1
_entity_poly.type   'polypeptide(L)'
_entity_poly.pdbx_seq_one_letter_code
;MAGIADLTAALASADRNRVTRVEAMRRSPTTISLSTLGALSALWGILYFMTCSGRNSRGVLADASSGMLQTRQSDSESLN
STGLAQAAINGLNARFYESSNARWSSDEPWWISGVALTMVIEYMRRSGSKEYLDQVEDVIEVQRQPLSWWPSGEGEFRAD
ATDDTGWWALAMVRMYDLTGNEDYLNISIKDEAYMRQWWTDTECGGGLYVDIQDLTYKNAIANELYLKLVASLANRAPNA
TIYLDRAQQAWTWFLGSGMINGVNLINDGLARDSNTGSCYNNRLPVWTYNQGVILGALVELYHATKDESYLLSAQAIADA
VLSPSNGLTSSSGVLTETCEGSDSCNQDQQVFKGVFALNLAELGDAVAGASSDPDAGQDYREYLDTNMQSMYANDRSEIV
PTLFDSSTGDLYDVSWSGPFRNATMPKQASAIGLYVANI
;
_entity_poly.pdbx_strand_id   A
#
loop_
_chem_comp.id
_chem_comp.type
_chem_comp.name
_chem_comp.formula
FMT non-polymer 'FORMIC ACID' 'C H2 O2'
GOL non-polymer GLYCEROL 'C3 H8 O3'
NA non-polymer 'SODIUM ION' 'Na 1'
#
# COMPACT_ATOMS: atom_id res chain seq x y z
N SER A 78 15.56 22.12 -3.93
CA SER A 78 14.96 22.80 -5.06
C SER A 78 13.81 21.98 -5.64
N LEU A 79 13.35 20.99 -4.87
CA LEU A 79 12.26 20.12 -5.29
C LEU A 79 11.14 20.19 -4.26
N ASN A 80 9.95 20.59 -4.71
CA ASN A 80 8.76 20.68 -3.86
C ASN A 80 7.96 19.39 -4.03
N SER A 81 8.06 18.50 -3.03
CA SER A 81 7.30 17.25 -3.11
C SER A 81 5.81 17.49 -2.99
N THR A 82 5.40 18.52 -2.27
CA THR A 82 3.97 18.83 -2.13
C THR A 82 3.38 19.30 -3.46
N GLY A 83 4.05 20.25 -4.12
CA GLY A 83 3.56 20.73 -5.39
C GLY A 83 3.58 19.68 -6.48
N LEU A 84 4.59 18.80 -6.47
CA LEU A 84 4.65 17.73 -7.46
C LEU A 84 3.60 16.67 -7.20
N ALA A 85 3.31 16.38 -5.93
CA ALA A 85 2.23 15.44 -5.61
C ALA A 85 0.89 15.98 -6.07
N GLN A 86 0.65 17.28 -5.86
CA GLN A 86 -0.59 17.89 -6.34
C GLN A 86 -0.69 17.83 -7.85
N ALA A 87 0.41 18.09 -8.55
CA ALA A 87 0.41 18.01 -10.01
C ALA A 87 0.17 16.57 -10.48
N ALA A 88 0.73 15.59 -9.76
CA ALA A 88 0.50 14.20 -10.13
C ALA A 88 -0.95 13.79 -9.87
N ILE A 89 -1.54 14.29 -8.77
CA ILE A 89 -2.93 14.00 -8.49
C ILE A 89 -3.84 14.66 -9.52
N ASN A 90 -3.52 15.89 -9.91
CA ASN A 90 -4.30 16.57 -10.95
C ASN A 90 -4.18 15.83 -12.28
N GLY A 91 -2.99 15.31 -12.59
CA GLY A 91 -2.84 14.51 -13.79
C GLY A 91 -3.62 13.20 -13.70
N LEU A 92 -3.66 12.60 -12.51
CA LEU A 92 -4.47 11.39 -12.32
C LEU A 92 -5.94 11.68 -12.57
N ASN A 93 -6.43 12.82 -12.05
CA ASN A 93 -7.84 13.16 -12.22
C ASN A 93 -8.16 13.52 -13.67
N ALA A 94 -7.27 14.30 -14.31
CA ALA A 94 -7.56 14.79 -15.64
C ALA A 94 -7.66 13.66 -16.66
N ARG A 95 -6.91 12.57 -16.45
CA ARG A 95 -6.85 11.49 -17.42
C ARG A 95 -7.65 10.26 -17.02
N PHE A 96 -7.90 10.04 -15.74
CA PHE A 96 -8.44 8.76 -15.28
C PHE A 96 -9.66 8.85 -14.39
N TYR A 97 -9.99 10.01 -13.84
CA TYR A 97 -11.14 10.10 -12.94
C TYR A 97 -12.43 10.15 -13.76
N GLU A 98 -13.42 9.36 -13.33
CA GLU A 98 -14.72 9.29 -13.99
C GLU A 98 -15.75 9.86 -13.02
N SER A 99 -16.18 11.09 -13.28
CA SER A 99 -17.13 11.76 -12.38
C SER A 99 -18.46 11.00 -12.32
N SER A 100 -18.92 10.49 -13.46
CA SER A 100 -20.20 9.80 -13.51
C SER A 100 -20.18 8.48 -12.73
N ASN A 101 -18.99 7.96 -12.41
CA ASN A 101 -18.87 6.71 -11.68
C ASN A 101 -18.22 6.87 -10.31
N ALA A 102 -17.72 8.07 -9.98
CA ALA A 102 -17.02 8.32 -8.72
C ALA A 102 -15.91 7.30 -8.50
N ARG A 103 -15.10 7.11 -9.54
CA ARG A 103 -14.07 6.07 -9.56
C ARG A 103 -13.04 6.43 -10.62
N TRP A 104 -11.80 6.03 -10.38
CA TRP A 104 -10.73 6.17 -11.36
C TRP A 104 -10.67 4.92 -12.23
N SER A 105 -10.71 5.12 -13.55
CA SER A 105 -10.47 4.07 -14.53
C SER A 105 -11.26 2.79 -14.27
N SER A 106 -12.50 2.75 -14.77
CA SER A 106 -13.31 1.54 -14.60
C SER A 106 -12.74 0.36 -15.35
N ASP A 107 -11.87 0.59 -16.34
CA ASP A 107 -11.23 -0.50 -17.06
C ASP A 107 -10.03 -1.08 -16.32
N GLU A 108 -9.66 -0.51 -15.18
CA GLU A 108 -8.58 -0.99 -14.35
C GLU A 108 -9.14 -1.65 -13.09
N PRO A 109 -8.36 -2.50 -12.42
CA PRO A 109 -8.88 -3.21 -11.24
C PRO A 109 -9.44 -2.26 -10.19
N TRP A 110 -10.51 -2.70 -9.52
CA TRP A 110 -11.21 -1.86 -8.56
C TRP A 110 -10.34 -1.54 -7.35
N TRP A 111 -9.52 -2.50 -6.91
CA TRP A 111 -8.69 -2.28 -5.73
C TRP A 111 -7.66 -1.18 -5.95
N ILE A 112 -7.29 -0.92 -7.21
CA ILE A 112 -6.31 0.13 -7.47
C ILE A 112 -6.94 1.51 -7.29
N SER A 113 -8.27 1.61 -7.48
CA SER A 113 -8.95 2.84 -7.11
C SER A 113 -8.86 3.10 -5.61
N GLY A 114 -8.86 2.02 -4.81
CA GLY A 114 -8.65 2.17 -3.38
C GLY A 114 -7.25 2.63 -3.04
N VAL A 115 -6.25 2.11 -3.75
CA VAL A 115 -4.89 2.59 -3.56
C VAL A 115 -4.79 4.06 -3.95
N ALA A 116 -5.41 4.44 -5.06
CA ALA A 116 -5.40 5.84 -5.48
C ALA A 116 -6.05 6.74 -4.44
N LEU A 117 -7.16 6.29 -3.85
CA LEU A 117 -7.80 7.04 -2.78
C LEU A 117 -6.86 7.20 -1.59
N THR A 118 -6.12 6.13 -1.25
CA THR A 118 -5.13 6.22 -0.19
C THR A 118 -4.10 7.29 -0.47
N MET A 119 -3.63 7.37 -1.73
CA MET A 119 -2.59 8.35 -2.05
C MET A 119 -3.12 9.77 -1.94
N VAL A 120 -4.36 10.00 -2.40
CA VAL A 120 -4.94 11.34 -2.31
C VAL A 120 -5.19 11.70 -0.85
N ILE A 121 -5.68 10.75 -0.05
CA ILE A 121 -5.91 11.01 1.36
C ILE A 121 -4.60 11.34 2.07
N GLU A 122 -3.58 10.53 1.85
CA GLU A 122 -2.31 10.74 2.54
C GLU A 122 -1.64 12.04 2.11
N TYR A 123 -1.82 12.44 0.85
CA TYR A 123 -1.34 13.76 0.43
C TYR A 123 -1.94 14.85 1.29
N MET A 124 -3.24 14.76 1.58
CA MET A 124 -3.89 15.78 2.38
C MET A 124 -3.41 15.75 3.82
N ARG A 125 -3.18 14.55 4.35
CA ARG A 125 -2.72 14.41 5.73
C ARG A 125 -1.35 15.06 5.92
N ARG A 126 -0.41 14.78 5.00
CA ARG A 126 0.95 15.27 5.18
C ARG A 126 1.13 16.72 4.76
N SER A 127 0.34 17.18 3.79
CA SER A 127 0.46 18.54 3.29
C SER A 127 -0.49 19.52 3.99
N GLY A 128 -1.46 19.03 4.75
CA GLY A 128 -2.44 19.89 5.38
C GLY A 128 -3.48 20.45 4.46
N SER A 129 -3.50 20.04 3.19
CA SER A 129 -4.48 20.52 2.24
C SER A 129 -5.79 19.74 2.36
N LYS A 130 -6.87 20.36 1.90
CA LYS A 130 -8.19 19.74 1.84
C LYS A 130 -8.77 19.86 0.44
N GLU A 131 -7.90 19.93 -0.57
CA GLU A 131 -8.32 20.31 -1.91
C GLU A 131 -9.22 19.25 -2.54
N TYR A 132 -8.94 17.97 -2.31
CA TYR A 132 -9.70 16.88 -2.91
C TYR A 132 -10.62 16.19 -1.92
N LEU A 133 -10.96 16.85 -0.81
CA LEU A 133 -11.79 16.20 0.21
C LEU A 133 -13.17 15.88 -0.34
N ASP A 134 -13.78 16.81 -1.08
CA ASP A 134 -15.10 16.56 -1.64
C ASP A 134 -15.07 15.40 -2.63
N GLN A 135 -14.03 15.32 -3.46
CA GLN A 135 -13.91 14.22 -4.40
C GLN A 135 -13.75 12.89 -3.67
N VAL A 136 -12.90 12.86 -2.64
CA VAL A 136 -12.68 11.63 -1.89
C VAL A 136 -13.98 11.17 -1.25
N GLU A 137 -14.75 12.09 -0.69
CA GLU A 137 -16.03 11.72 -0.08
C GLU A 137 -16.99 11.17 -1.12
N ASP A 138 -16.97 11.72 -2.34
CA ASP A 138 -17.82 11.21 -3.40
C ASP A 138 -17.44 9.77 -3.76
N VAL A 139 -16.14 9.50 -3.86
CA VAL A 139 -15.69 8.14 -4.18
C VAL A 139 -16.11 7.18 -3.08
N ILE A 140 -15.94 7.59 -1.81
CA ILE A 140 -16.28 6.71 -0.69
C ILE A 140 -17.77 6.38 -0.70
N GLU A 141 -18.61 7.40 -0.89
CA GLU A 141 -20.05 7.20 -0.83
C GLU A 141 -20.53 6.23 -1.90
N VAL A 142 -19.99 6.33 -3.11
CA VAL A 142 -20.45 5.48 -4.21
C VAL A 142 -19.82 4.09 -4.11
N GLN A 143 -18.52 4.01 -3.84
CA GLN A 143 -17.84 2.73 -3.82
C GLN A 143 -18.10 1.91 -2.57
N ARG A 144 -18.69 2.50 -1.53
CA ARG A 144 -19.07 1.71 -0.35
C ARG A 144 -20.37 0.95 -0.56
N GLN A 145 -21.04 1.15 -1.70
CA GLN A 145 -22.29 0.46 -1.97
C GLN A 145 -22.03 -1.01 -2.26
N PRO A 146 -23.06 -1.86 -2.11
CA PRO A 146 -22.90 -3.28 -2.48
C PRO A 146 -22.36 -3.45 -3.89
N LEU A 147 -21.23 -4.14 -4.00
CA LEU A 147 -20.58 -4.31 -5.29
C LEU A 147 -21.40 -5.22 -6.19
N SER A 148 -21.53 -4.83 -7.46
CA SER A 148 -22.34 -5.60 -8.40
C SER A 148 -21.76 -6.98 -8.65
N TRP A 149 -20.44 -7.14 -8.48
CA TRP A 149 -19.80 -8.43 -8.69
C TRP A 149 -19.67 -9.24 -7.40
N TRP A 150 -20.08 -8.69 -6.27
CA TRP A 150 -20.09 -9.43 -5.01
C TRP A 150 -21.15 -8.84 -4.09
N PRO A 151 -22.44 -9.12 -4.34
CA PRO A 151 -23.48 -8.52 -3.48
C PRO A 151 -23.55 -9.14 -2.10
N SER A 152 -23.09 -10.38 -1.93
CA SER A 152 -23.12 -11.01 -0.61
C SER A 152 -22.22 -10.29 0.39
N GLY A 153 -21.25 -9.50 -0.09
CA GLY A 153 -20.45 -8.70 0.81
C GLY A 153 -21.21 -7.58 1.49
N GLU A 154 -22.37 -7.20 0.94
CA GLU A 154 -23.23 -6.17 1.52
C GLU A 154 -22.51 -4.82 1.60
N GLY A 155 -21.68 -4.53 0.60
CA GLY A 155 -21.05 -3.23 0.52
C GLY A 155 -20.03 -3.01 1.61
N GLU A 156 -19.79 -1.73 1.91
CA GLU A 156 -18.78 -1.30 2.87
C GLU A 156 -17.40 -1.85 2.50
N PHE A 157 -17.15 -1.98 1.21
CA PHE A 157 -15.90 -2.43 0.61
C PHE A 157 -15.62 -3.92 0.83
N ARG A 158 -16.62 -4.69 1.25
CA ARG A 158 -16.46 -6.13 1.42
C ARG A 158 -16.64 -6.80 0.06
N ALA A 159 -15.52 -7.28 -0.51
CA ALA A 159 -15.48 -7.75 -1.89
C ALA A 159 -15.25 -9.26 -1.95
N ASP A 160 -15.00 -9.76 -3.16
CA ASP A 160 -14.79 -11.18 -3.40
C ASP A 160 -13.35 -11.63 -3.15
N ALA A 161 -12.51 -10.74 -2.64
CA ALA A 161 -11.14 -11.08 -2.29
C ALA A 161 -10.76 -10.29 -1.05
N THR A 162 -9.99 -10.92 -0.15
CA THR A 162 -9.66 -10.27 1.11
C THR A 162 -8.67 -9.14 0.92
N ASP A 163 -7.80 -9.22 -0.10
CA ASP A 163 -6.87 -8.11 -0.32
C ASP A 163 -7.57 -6.91 -0.95
N ASP A 164 -8.53 -7.14 -1.84
CA ASP A 164 -9.36 -6.05 -2.34
C ASP A 164 -10.01 -5.29 -1.19
N THR A 165 -10.56 -6.03 -0.23
CA THR A 165 -11.18 -5.40 0.94
C THR A 165 -10.13 -4.69 1.78
N GLY A 166 -8.94 -5.28 1.92
CA GLY A 166 -7.92 -4.69 2.76
C GLY A 166 -7.40 -3.36 2.26
N TRP A 167 -7.31 -3.19 0.94
CA TRP A 167 -6.84 -1.92 0.39
C TRP A 167 -7.78 -0.79 0.75
N TRP A 168 -9.09 -1.00 0.60
CA TRP A 168 -10.06 0.04 0.94
C TRP A 168 -10.16 0.22 2.45
N ALA A 169 -10.01 -0.87 3.21
CA ALA A 169 -10.06 -0.78 4.67
C ALA A 169 -8.96 0.12 5.21
N LEU A 170 -7.74 -0.04 4.70
CA LEU A 170 -6.63 0.81 5.12
C LEU A 170 -6.81 2.24 4.65
N ALA A 171 -7.46 2.43 3.49
CA ALA A 171 -7.80 3.79 3.05
C ALA A 171 -8.76 4.44 4.03
N MET A 172 -9.69 3.67 4.61
CA MET A 172 -10.61 4.25 5.57
C MET A 172 -9.92 4.53 6.90
N VAL A 173 -8.91 3.74 7.25
CA VAL A 173 -8.09 4.06 8.42
C VAL A 173 -7.42 5.42 8.23
N ARG A 174 -6.90 5.65 7.03
CA ARG A 174 -6.26 6.92 6.72
C ARG A 174 -7.28 8.05 6.69
N MET A 175 -8.47 7.79 6.12
CA MET A 175 -9.51 8.82 6.09
C MET A 175 -9.95 9.19 7.50
N TYR A 176 -9.97 8.21 8.41
CA TYR A 176 -10.26 8.51 9.81
C TYR A 176 -9.16 9.36 10.43
N ASP A 177 -7.90 9.06 10.10
CA ASP A 177 -6.78 9.85 10.61
C ASP A 177 -6.86 11.28 10.11
N LEU A 178 -7.32 11.48 8.88
CA LEU A 178 -7.39 12.82 8.30
C LEU A 178 -8.54 13.62 8.89
N THR A 179 -9.73 13.02 8.97
CA THR A 179 -10.94 13.74 9.34
C THR A 179 -11.36 13.55 10.79
N GLY A 180 -10.99 12.44 11.41
CA GLY A 180 -11.51 12.13 12.72
C GLY A 180 -12.96 11.68 12.74
N ASN A 181 -13.55 11.44 11.57
CA ASN A 181 -14.93 11.02 11.49
C ASN A 181 -15.03 9.54 11.80
N GLU A 182 -15.81 9.19 12.83
CA GLU A 182 -15.93 7.80 13.26
C GLU A 182 -16.56 6.91 12.19
N ASP A 183 -17.29 7.49 11.24
CA ASP A 183 -17.89 6.72 10.16
C ASP A 183 -16.85 5.88 9.42
N TYR A 184 -15.69 6.49 9.11
CA TYR A 184 -14.67 5.78 8.36
C TYR A 184 -14.01 4.69 9.21
N LEU A 185 -13.82 4.95 10.51
CA LEU A 185 -13.31 3.92 11.40
C LEU A 185 -14.26 2.74 11.48
N ASN A 186 -15.57 3.00 11.47
CA ASN A 186 -16.56 1.93 11.51
C ASN A 186 -16.45 1.04 10.28
N ILE A 187 -16.16 1.62 9.11
CA ILE A 187 -16.00 0.83 7.90
C ILE A 187 -14.82 -0.12 8.05
N SER A 188 -13.70 0.38 8.57
N SER A 188 -13.70 0.38 8.58
CA SER A 188 -12.52 -0.46 8.77
CA SER A 188 -12.52 -0.47 8.76
C SER A 188 -12.80 -1.57 9.77
C SER A 188 -12.78 -1.57 9.79
N ILE A 189 -13.67 -1.32 10.75
CA ILE A 189 -14.02 -2.34 11.73
C ILE A 189 -14.84 -3.45 11.08
N LYS A 190 -15.81 -3.08 10.23
CA LYS A 190 -16.56 -4.08 9.49
C LYS A 190 -15.66 -4.87 8.54
N ASP A 191 -14.67 -4.20 7.96
CA ASP A 191 -13.76 -4.87 7.03
C ASP A 191 -12.90 -5.90 7.75
N GLU A 192 -12.41 -5.55 8.95
CA GLU A 192 -11.62 -6.51 9.72
C GLU A 192 -12.42 -7.76 10.03
N ALA A 193 -13.65 -7.59 10.52
CA ALA A 193 -14.50 -8.74 10.82
C ALA A 193 -14.81 -9.54 9.57
N TYR A 194 -14.94 -8.87 8.43
CA TYR A 194 -15.18 -9.57 7.17
C TYR A 194 -13.97 -10.41 6.78
N MET A 195 -12.79 -9.81 6.79
CA MET A 195 -11.58 -10.53 6.37
C MET A 195 -11.27 -11.69 7.32
N ARG A 196 -11.51 -11.50 8.62
CA ARG A 196 -11.24 -12.54 9.61
C ARG A 196 -12.00 -13.83 9.33
N GLN A 197 -13.12 -13.75 8.62
CA GLN A 197 -13.92 -14.93 8.33
C GLN A 197 -13.11 -16.00 7.60
N TRP A 198 -12.11 -15.61 6.82
CA TRP A 198 -11.34 -16.54 6.02
C TRP A 198 -9.95 -16.77 6.59
N TRP A 199 -9.73 -16.43 7.85
CA TRP A 199 -8.57 -16.89 8.60
C TRP A 199 -8.85 -18.27 9.15
N THR A 200 -7.97 -19.23 8.85
CA THR A 200 -8.11 -20.59 9.35
C THR A 200 -6.82 -21.03 10.02
N ASP A 201 -6.95 -21.74 11.14
CA ASP A 201 -5.82 -22.34 11.82
C ASP A 201 -5.54 -23.75 11.33
N THR A 202 -6.40 -24.32 10.49
CA THR A 202 -6.29 -25.70 10.05
C THR A 202 -5.39 -25.87 8.84
N GLU A 203 -4.96 -24.77 8.20
CA GLU A 203 -4.00 -24.82 7.11
C GLU A 203 -2.91 -23.79 7.37
N CYS A 204 -1.65 -24.22 7.26
CA CYS A 204 -0.48 -23.38 7.50
C CYS A 204 -0.45 -22.82 8.92
N GLY A 205 -1.25 -23.37 9.83
CA GLY A 205 -1.26 -22.91 11.20
C GLY A 205 -1.77 -21.49 11.40
N GLY A 206 -2.44 -20.93 10.40
CA GLY A 206 -2.95 -19.58 10.50
C GLY A 206 -3.00 -18.92 9.14
N GLY A 207 -3.16 -17.61 9.16
CA GLY A 207 -3.26 -16.82 7.94
C GLY A 207 -4.63 -16.95 7.29
N LEU A 208 -4.94 -15.97 6.45
CA LEU A 208 -6.20 -15.95 5.74
C LEU A 208 -5.97 -16.17 4.24
N TYR A 209 -7.03 -16.61 3.57
CA TYR A 209 -7.01 -16.80 2.14
C TYR A 209 -7.28 -15.50 1.41
N VAL A 210 -6.78 -15.39 0.18
CA VAL A 210 -7.04 -14.23 -0.64
C VAL A 210 -8.25 -14.45 -1.55
N ASP A 211 -8.41 -15.67 -2.06
CA ASP A 211 -9.49 -16.02 -2.97
C ASP A 211 -10.68 -16.52 -2.16
N ILE A 212 -11.66 -15.65 -1.94
CA ILE A 212 -12.79 -15.97 -1.08
C ILE A 212 -13.61 -17.12 -1.67
N GLN A 213 -13.79 -17.14 -2.99
CA GLN A 213 -14.63 -18.15 -3.62
C GLN A 213 -13.95 -19.52 -3.67
N ASP A 214 -12.63 -19.57 -3.81
CA ASP A 214 -11.92 -20.83 -4.01
C ASP A 214 -11.16 -21.31 -2.79
N LEU A 215 -10.54 -20.41 -2.03
CA LEU A 215 -9.82 -20.75 -0.81
C LEU A 215 -8.69 -21.74 -1.07
N THR A 216 -7.77 -21.35 -1.95
CA THR A 216 -6.63 -22.17 -2.31
C THR A 216 -5.29 -21.48 -2.13
N TYR A 217 -5.27 -20.19 -1.79
CA TYR A 217 -4.04 -19.42 -1.74
C TYR A 217 -4.02 -18.53 -0.51
N LYS A 218 -3.05 -18.78 0.37
CA LYS A 218 -2.70 -17.85 1.44
C LYS A 218 -1.41 -17.16 1.02
N ASN A 219 -1.53 -15.89 0.61
CA ASN A 219 -0.40 -15.16 0.05
C ASN A 219 0.08 -14.09 1.03
N ALA A 220 1.10 -13.35 0.60
CA ALA A 220 1.72 -12.35 1.46
C ALA A 220 0.86 -11.08 1.56
N ILE A 221 0.31 -10.61 0.45
CA ILE A 221 -0.29 -9.28 0.45
C ILE A 221 -1.58 -9.26 1.25
N ALA A 222 -2.41 -10.29 1.12
CA ALA A 222 -3.66 -10.31 1.87
C ALA A 222 -3.40 -10.41 3.37
N ASN A 223 -2.32 -11.09 3.76
CA ASN A 223 -2.02 -11.22 5.18
C ASN A 223 -1.26 -10.00 5.70
N GLU A 224 -0.53 -9.30 4.84
CA GLU A 224 0.10 -8.04 5.24
C GLU A 224 -0.96 -6.95 5.40
N LEU A 225 -1.93 -6.91 4.50
CA LEU A 225 -3.01 -5.92 4.62
C LEU A 225 -3.83 -6.16 5.87
N TYR A 226 -4.18 -7.42 6.13
CA TYR A 226 -4.93 -7.72 7.35
C TYR A 226 -4.13 -7.38 8.59
N LEU A 227 -2.83 -7.72 8.60
CA LEU A 227 -2.01 -7.44 9.77
C LEU A 227 -1.92 -5.94 10.03
N LYS A 228 -1.74 -5.14 8.98
CA LYS A 228 -1.72 -3.70 9.17
C LYS A 228 -3.08 -3.17 9.60
N LEU A 229 -4.16 -3.87 9.22
CA LEU A 229 -5.49 -3.43 9.59
C LEU A 229 -5.74 -3.62 11.09
N VAL A 230 -5.48 -4.83 11.60
CA VAL A 230 -5.69 -5.08 13.03
C VAL A 230 -4.72 -4.25 13.86
N ALA A 231 -3.49 -4.07 13.38
CA ALA A 231 -2.53 -3.25 14.11
C ALA A 231 -2.98 -1.79 14.15
N SER A 232 -3.56 -1.30 13.04
CA SER A 232 -4.10 0.06 13.04
C SER A 232 -5.29 0.19 13.96
N LEU A 233 -6.18 -0.81 13.97
CA LEU A 233 -7.34 -0.75 14.85
C LEU A 233 -6.96 -0.85 16.31
N ALA A 234 -5.83 -1.50 16.61
CA ALA A 234 -5.35 -1.58 17.98
C ALA A 234 -4.95 -0.21 18.53
N ASN A 235 -4.74 0.77 17.65
CA ASN A 235 -4.40 2.13 18.05
C ASN A 235 -5.57 3.10 17.98
N ARG A 236 -6.68 2.71 17.36
CA ARG A 236 -7.75 3.66 17.10
C ARG A 236 -9.12 3.17 17.57
N ALA A 237 -9.36 1.86 17.51
CA ALA A 237 -10.68 1.35 17.81
C ALA A 237 -10.97 1.42 19.31
N PRO A 238 -12.21 1.68 19.70
CA PRO A 238 -12.53 1.70 21.14
C PRO A 238 -12.28 0.37 21.82
N ASN A 239 -12.38 -0.73 21.09
CA ASN A 239 -12.14 -2.05 21.66
C ASN A 239 -10.78 -2.54 21.15
N ALA A 240 -9.73 -1.88 21.63
CA ALA A 240 -8.39 -2.07 21.10
C ALA A 240 -7.68 -3.31 21.64
N THR A 241 -8.30 -4.06 22.54
CA THR A 241 -7.60 -5.17 23.19
C THR A 241 -7.47 -6.37 22.26
N ILE A 242 -8.58 -6.89 21.75
CA ILE A 242 -8.49 -8.06 20.86
C ILE A 242 -7.84 -7.70 19.53
N TYR A 243 -7.90 -6.43 19.11
CA TYR A 243 -7.18 -6.06 17.88
C TYR A 243 -5.68 -6.13 18.08
N LEU A 244 -5.20 -5.76 19.27
CA LEU A 244 -3.77 -5.91 19.57
C LEU A 244 -3.39 -7.39 19.67
N ASP A 245 -4.25 -8.20 20.32
N ASP A 245 -4.25 -8.20 20.32
CA ASP A 245 -3.98 -9.63 20.40
CA ASP A 245 -3.98 -9.63 20.41
C ASP A 245 -4.00 -10.28 19.03
C ASP A 245 -4.00 -10.28 19.03
N ARG A 246 -4.93 -9.87 18.17
CA ARG A 246 -4.98 -10.42 16.83
C ARG A 246 -3.78 -9.98 16.01
N ALA A 247 -3.33 -8.73 16.20
CA ALA A 247 -2.16 -8.24 15.46
C ALA A 247 -0.89 -8.96 15.92
N GLN A 248 -0.73 -9.17 17.22
CA GLN A 248 0.45 -9.87 17.72
C GLN A 248 0.45 -11.33 17.26
N GLN A 249 -0.72 -11.97 17.25
CA GLN A 249 -0.80 -13.34 16.78
C GLN A 249 -0.60 -13.43 15.27
N ALA A 250 -1.10 -12.44 14.53
CA ALA A 250 -0.94 -12.47 13.07
C ALA A 250 0.51 -12.25 12.68
N TRP A 251 1.22 -11.35 13.36
CA TRP A 251 2.64 -11.15 13.07
C TRP A 251 3.45 -12.39 13.43
N THR A 252 3.10 -13.05 14.54
CA THR A 252 3.78 -14.27 14.93
C THR A 252 3.61 -15.35 13.86
N TRP A 253 2.40 -15.47 13.31
CA TRP A 253 2.19 -16.43 12.23
C TRP A 253 2.96 -16.03 10.98
N PHE A 254 2.91 -14.74 10.62
CA PHE A 254 3.62 -14.28 9.43
C PHE A 254 5.11 -14.54 9.52
N LEU A 255 5.70 -14.27 10.69
CA LEU A 255 7.12 -14.50 10.87
C LEU A 255 7.46 -15.98 10.78
N GLY A 256 6.62 -16.84 11.36
CA GLY A 256 6.85 -18.27 11.30
C GLY A 256 6.37 -18.96 10.05
N SER A 257 5.74 -18.23 9.13
CA SER A 257 5.20 -18.86 7.93
C SER A 257 6.29 -19.27 6.95
N GLY A 258 7.42 -18.54 6.94
CA GLY A 258 8.47 -18.77 5.98
C GLY A 258 8.44 -17.88 4.76
N MET A 259 7.43 -16.99 4.65
CA MET A 259 7.37 -16.09 3.52
C MET A 259 8.50 -15.07 3.54
N ILE A 260 9.03 -14.76 4.73
CA ILE A 260 10.23 -13.94 4.85
C ILE A 260 11.43 -14.87 4.64
N ASN A 261 12.17 -14.67 3.55
CA ASN A 261 13.19 -15.62 3.15
C ASN A 261 14.54 -15.28 3.79
N GLY A 262 15.61 -15.88 3.29
CA GLY A 262 16.92 -15.81 3.91
C GLY A 262 17.59 -14.46 3.82
N VAL A 263 17.16 -13.59 2.92
CA VAL A 263 17.69 -12.24 2.80
C VAL A 263 16.70 -11.21 3.34
N ASN A 264 15.75 -11.65 4.17
CA ASN A 264 14.76 -10.78 4.81
C ASN A 264 13.82 -10.12 3.80
N LEU A 265 13.60 -10.75 2.67
CA LEU A 265 12.61 -10.33 1.69
C LEU A 265 11.45 -11.32 1.68
N ILE A 266 10.30 -10.86 1.18
CA ILE A 266 9.05 -11.60 1.29
C ILE A 266 8.61 -12.03 -0.09
N ASN A 267 8.50 -13.35 -0.29
CA ASN A 267 7.99 -13.90 -1.53
C ASN A 267 6.47 -13.79 -1.58
N ASP A 268 5.88 -14.23 -2.69
CA ASP A 268 4.49 -13.89 -2.96
C ASP A 268 3.53 -14.59 -2.01
N GLY A 269 3.79 -15.83 -1.65
CA GLY A 269 2.87 -16.54 -0.78
C GLY A 269 3.38 -17.91 -0.38
N LEU A 270 2.43 -18.76 0.00
CA LEU A 270 2.71 -20.08 0.54
C LEU A 270 2.16 -21.16 -0.38
N ALA A 271 2.93 -22.23 -0.54
CA ALA A 271 2.47 -23.45 -1.18
C ALA A 271 2.16 -24.48 -0.09
N ARG A 272 1.37 -25.49 -0.45
CA ARG A 272 0.95 -26.51 0.48
C ARG A 272 1.47 -27.87 0.03
N ASP A 273 2.06 -28.62 0.97
CA ASP A 273 2.56 -29.95 0.65
C ASP A 273 1.42 -30.88 0.28
N SER A 274 1.61 -31.65 -0.80
CA SER A 274 0.54 -32.50 -1.30
C SER A 274 0.25 -33.67 -0.37
N ASN A 275 1.24 -34.10 0.42
CA ASN A 275 1.09 -35.26 1.30
C ASN A 275 0.97 -34.90 2.76
N THR A 276 1.80 -33.97 3.26
CA THR A 276 1.83 -33.66 4.68
C THR A 276 0.93 -32.50 5.06
N GLY A 277 0.47 -31.71 4.10
CA GLY A 277 -0.31 -30.53 4.40
C GLY A 277 0.47 -29.36 4.95
N SER A 278 1.79 -29.50 5.13
CA SER A 278 2.60 -28.40 5.62
C SER A 278 2.76 -27.35 4.54
N CYS A 279 2.95 -26.10 4.96
CA CYS A 279 3.05 -24.97 4.07
C CYS A 279 4.48 -24.43 4.04
N TYR A 280 4.87 -23.88 2.89
CA TYR A 280 6.22 -23.39 2.71
C TYR A 280 6.22 -22.26 1.69
N ASN A 281 7.27 -21.44 1.75
CA ASN A 281 7.50 -20.37 0.78
C ASN A 281 7.45 -20.91 -0.64
N ASN A 282 6.57 -20.34 -1.46
CA ASN A 282 6.41 -20.83 -2.83
C ASN A 282 7.45 -20.27 -3.79
N ARG A 283 8.36 -19.42 -3.32
CA ARG A 283 9.47 -18.88 -4.11
C ARG A 283 9.00 -18.10 -5.33
N LEU A 284 7.74 -17.65 -5.34
CA LEU A 284 7.27 -16.75 -6.38
C LEU A 284 7.91 -15.38 -6.19
N PRO A 285 7.88 -14.51 -7.23
CA PRO A 285 8.67 -13.27 -7.20
C PRO A 285 8.54 -12.40 -5.95
N VAL A 286 9.57 -11.60 -5.70
CA VAL A 286 9.60 -10.65 -4.59
C VAL A 286 9.08 -9.33 -5.11
N TRP A 287 7.83 -9.00 -4.77
CA TRP A 287 7.20 -7.77 -5.21
C TRP A 287 7.40 -6.67 -4.17
N THR A 288 7.57 -5.43 -4.66
CA THR A 288 7.93 -4.33 -3.79
C THR A 288 6.85 -4.03 -2.76
N TYR A 289 5.58 -4.11 -3.16
CA TYR A 289 4.50 -3.79 -2.25
C TYR A 289 4.33 -4.86 -1.17
N ASN A 290 4.93 -6.04 -1.36
CA ASN A 290 5.00 -7.03 -0.29
C ASN A 290 6.15 -6.78 0.65
N GLN A 291 7.04 -5.83 0.33
CA GLN A 291 8.05 -5.36 1.26
C GLN A 291 7.68 -4.04 1.90
N GLY A 292 6.47 -3.53 1.62
CA GLY A 292 6.06 -2.23 2.12
C GLY A 292 4.94 -2.29 3.14
N VAL A 293 3.81 -2.90 2.77
CA VAL A 293 2.66 -2.97 3.67
C VAL A 293 3.06 -3.57 5.01
N ILE A 294 4.00 -4.53 4.99
CA ILE A 294 4.46 -5.14 6.24
C ILE A 294 5.17 -4.11 7.11
N LEU A 295 5.82 -3.12 6.51
CA LEU A 295 6.48 -2.08 7.30
C LEU A 295 5.47 -1.23 8.06
N GLY A 296 4.39 -0.82 7.39
CA GLY A 296 3.36 -0.07 8.07
C GLY A 296 2.69 -0.86 9.18
N ALA A 297 2.54 -2.17 8.98
CA ALA A 297 1.99 -3.03 10.02
C ALA A 297 2.88 -3.05 11.25
N LEU A 298 4.19 -3.20 11.04
CA LEU A 298 5.12 -3.22 12.16
C LEU A 298 5.23 -1.85 12.82
N VAL A 299 5.07 -0.77 12.04
CA VAL A 299 5.05 0.57 12.62
C VAL A 299 3.85 0.74 13.53
N GLU A 300 2.68 0.27 13.09
CA GLU A 300 1.50 0.35 13.94
C GLU A 300 1.63 -0.57 15.15
N LEU A 301 2.28 -1.72 14.99
CA LEU A 301 2.51 -2.60 16.14
C LEU A 301 3.44 -1.95 17.15
N TYR A 302 4.42 -1.17 16.67
CA TYR A 302 5.29 -0.46 17.59
C TYR A 302 4.53 0.62 18.35
N HIS A 303 3.68 1.38 17.64
CA HIS A 303 2.92 2.44 18.31
C HIS A 303 1.97 1.88 19.36
N ALA A 304 1.47 0.66 19.14
CA ALA A 304 0.56 0.05 20.11
C ALA A 304 1.27 -0.56 21.30
N THR A 305 2.56 -0.88 21.19
CA THR A 305 3.29 -1.54 22.25
C THR A 305 4.52 -0.78 22.73
N LYS A 306 4.99 0.22 21.98
CA LYS A 306 6.23 0.93 22.28
C LYS A 306 7.43 -0.03 22.35
N ASP A 307 7.34 -1.14 21.62
CA ASP A 307 8.40 -2.14 21.57
C ASP A 307 9.20 -1.92 20.30
N GLU A 308 10.43 -1.44 20.44
CA GLU A 308 11.28 -1.17 19.28
C GLU A 308 11.64 -2.42 18.50
N SER A 309 11.35 -3.61 19.04
CA SER A 309 11.61 -4.84 18.29
C SER A 309 10.82 -4.89 16.99
N TYR A 310 9.63 -4.29 16.97
CA TYR A 310 8.86 -4.24 15.74
C TYR A 310 9.51 -3.34 14.71
N LEU A 311 10.11 -2.22 15.16
CA LEU A 311 10.81 -1.34 14.24
C LEU A 311 12.09 -1.99 13.70
N LEU A 312 12.76 -2.77 14.55
CA LEU A 312 14.00 -3.42 14.11
C LEU A 312 13.70 -4.48 13.05
N SER A 313 12.59 -5.21 13.20
CA SER A 313 12.21 -6.17 12.17
C SER A 313 11.83 -5.46 10.88
N ALA A 314 11.10 -4.34 10.98
CA ALA A 314 10.75 -3.57 9.79
C ALA A 314 11.99 -2.99 9.12
N GLN A 315 12.95 -2.51 9.93
CA GLN A 315 14.17 -1.95 9.37
C GLN A 315 14.98 -3.01 8.63
N ALA A 316 14.92 -4.25 9.09
CA ALA A 316 15.64 -5.32 8.41
C ALA A 316 15.06 -5.59 7.02
N ILE A 317 13.72 -5.53 6.90
CA ILE A 317 13.09 -5.74 5.61
C ILE A 317 13.39 -4.57 4.68
N ALA A 318 13.27 -3.34 5.19
CA ALA A 318 13.54 -2.17 4.37
C ALA A 318 15.00 -2.11 3.94
N ASP A 319 15.93 -2.45 4.84
CA ASP A 319 17.34 -2.46 4.49
C ASP A 319 17.64 -3.48 3.40
N ALA A 320 16.92 -4.60 3.39
CA ALA A 320 17.11 -5.58 2.33
C ALA A 320 16.67 -5.03 0.97
N VAL A 321 15.61 -4.21 0.96
CA VAL A 321 15.16 -3.61 -0.28
C VAL A 321 16.17 -2.57 -0.77
N LEU A 322 16.75 -1.81 0.16
CA LEU A 322 17.70 -0.78 -0.23
C LEU A 322 19.04 -1.36 -0.70
N SER A 323 19.32 -2.61 -0.36
CA SER A 323 20.60 -3.22 -0.71
C SER A 323 20.59 -3.58 -2.19
N PRO A 324 21.48 -3.03 -3.01
CA PRO A 324 21.48 -3.35 -4.45
C PRO A 324 21.79 -4.81 -4.74
N SER A 325 22.35 -5.55 -3.77
CA SER A 325 22.65 -6.95 -3.99
C SER A 325 21.38 -7.80 -4.11
N ASN A 326 20.24 -7.28 -3.68
CA ASN A 326 18.99 -8.03 -3.74
C ASN A 326 18.17 -7.75 -5.00
N GLY A 327 18.63 -6.84 -5.85
CA GLY A 327 18.01 -6.63 -7.14
C GLY A 327 16.82 -5.69 -7.16
N LEU A 328 16.32 -5.27 -6.01
CA LEU A 328 15.19 -4.33 -6.01
C LEU A 328 15.66 -2.89 -6.16
N THR A 329 16.89 -2.59 -5.77
CA THR A 329 17.48 -1.28 -5.92
C THR A 329 18.58 -1.33 -6.97
N SER A 330 18.48 -0.47 -7.98
CA SER A 330 19.42 -0.48 -9.08
C SER A 330 20.76 0.11 -8.66
N SER A 331 21.73 0.03 -9.59
CA SER A 331 23.06 0.58 -9.32
C SER A 331 23.02 2.09 -9.14
N SER A 332 22.05 2.76 -9.75
CA SER A 332 21.83 4.19 -9.53
C SER A 332 21.04 4.47 -8.27
N GLY A 333 20.58 3.43 -7.56
CA GLY A 333 19.84 3.63 -6.34
C GLY A 333 18.35 3.85 -6.52
N VAL A 334 17.76 3.32 -7.59
CA VAL A 334 16.35 3.53 -7.90
C VAL A 334 15.58 2.24 -7.65
N LEU A 335 14.43 2.37 -6.99
CA LEU A 335 13.55 1.22 -6.80
C LEU A 335 13.07 0.70 -8.15
N THR A 336 13.18 -0.61 -8.36
CA THR A 336 12.93 -1.22 -9.65
C THR A 336 12.13 -2.50 -9.46
N GLU A 337 10.93 -2.54 -10.01
CA GLU A 337 10.13 -3.76 -9.98
C GLU A 337 10.78 -4.83 -10.84
N THR A 338 10.64 -6.09 -10.42
CA THR A 338 11.31 -7.20 -11.10
C THR A 338 10.81 -7.39 -12.53
N CYS A 339 9.65 -6.82 -12.88
CA CYS A 339 9.10 -6.96 -14.21
C CYS A 339 9.52 -5.84 -15.16
N GLU A 340 10.21 -4.81 -14.65
CA GLU A 340 10.55 -3.66 -15.49
C GLU A 340 11.57 -4.02 -16.56
N GLY A 341 12.48 -4.95 -16.27
CA GLY A 341 13.49 -5.31 -17.24
C GLY A 341 12.90 -5.90 -18.51
N SER A 342 11.99 -6.85 -18.35
CA SER A 342 11.32 -7.47 -19.49
C SER A 342 10.14 -6.64 -20.02
N ASP A 343 9.88 -5.46 -19.43
CA ASP A 343 8.77 -4.61 -19.82
C ASP A 343 7.45 -5.38 -19.78
N SER A 344 7.26 -6.16 -18.71
CA SER A 344 6.11 -7.04 -18.57
C SER A 344 5.30 -6.74 -17.31
N CYS A 345 5.42 -5.53 -16.77
CA CYS A 345 4.65 -5.16 -15.58
C CYS A 345 3.19 -4.97 -15.96
N ASN A 346 2.31 -5.79 -15.40
CA ASN A 346 0.89 -5.72 -15.71
C ASN A 346 0.23 -4.62 -14.89
N GLN A 347 -1.10 -4.53 -15.00
CA GLN A 347 -1.84 -3.46 -14.34
C GLN A 347 -1.68 -3.51 -12.82
N ASP A 348 -1.55 -4.71 -12.25
CA ASP A 348 -1.32 -4.82 -10.81
C ASP A 348 0.08 -4.33 -10.44
N GLN A 349 1.10 -4.90 -11.10
CA GLN A 349 2.49 -4.61 -10.74
C GLN A 349 2.86 -3.15 -10.98
N GLN A 350 2.12 -2.44 -11.82
CA GLN A 350 2.44 -1.05 -12.10
C GLN A 350 2.26 -0.14 -10.89
N VAL A 351 1.48 -0.56 -9.89
CA VAL A 351 1.20 0.28 -8.73
C VAL A 351 2.04 -0.09 -7.52
N PHE A 352 2.83 -1.16 -7.59
CA PHE A 352 3.47 -1.71 -6.41
C PHE A 352 4.46 -0.74 -5.78
N LYS A 353 5.26 -0.05 -6.60
CA LYS A 353 6.38 0.72 -6.07
C LYS A 353 5.92 1.85 -5.16
N GLY A 354 4.88 2.57 -5.57
CA GLY A 354 4.40 3.68 -4.76
C GLY A 354 3.87 3.25 -3.40
N VAL A 355 3.31 2.04 -3.32
CA VAL A 355 2.83 1.53 -2.05
C VAL A 355 3.99 1.30 -1.09
N PHE A 356 5.11 0.77 -1.61
CA PHE A 356 6.29 0.61 -0.77
C PHE A 356 6.83 1.95 -0.30
N ALA A 357 6.86 2.93 -1.20
CA ALA A 357 7.42 4.24 -0.86
C ALA A 357 6.65 4.89 0.27
N LEU A 358 5.32 4.87 0.19
CA LEU A 358 4.50 5.45 1.25
C LEU A 358 4.73 4.75 2.58
N ASN A 359 4.85 3.42 2.55
CA ASN A 359 5.08 2.68 3.78
C ASN A 359 6.49 2.89 4.30
N LEU A 360 7.46 3.09 3.41
CA LEU A 360 8.83 3.37 3.85
C LEU A 360 8.90 4.71 4.57
N ALA A 361 8.13 5.70 4.10
CA ALA A 361 8.08 6.98 4.79
C ALA A 361 7.48 6.84 6.19
N GLU A 362 6.48 5.96 6.33
CA GLU A 362 5.93 5.69 7.65
C GLU A 362 6.97 5.08 8.58
N LEU A 363 7.81 4.19 8.06
CA LEU A 363 8.87 3.61 8.86
C LEU A 363 9.92 4.65 9.23
N GLY A 364 10.33 5.48 8.27
CA GLY A 364 11.31 6.50 8.56
C GLY A 364 10.84 7.50 9.60
N ASP A 365 9.54 7.81 9.59
CA ASP A 365 9.00 8.72 10.60
C ASP A 365 9.02 8.08 11.98
N ALA A 366 8.62 6.81 12.07
CA ALA A 366 8.61 6.13 13.37
C ALA A 366 10.02 5.94 13.90
N VAL A 367 10.99 5.70 13.01
CA VAL A 367 12.36 5.49 13.46
C VAL A 367 12.96 6.79 13.99
N ALA A 368 12.70 7.90 13.30
CA ALA A 368 13.23 9.19 13.74
C ALA A 368 12.63 9.61 15.07
N GLY A 369 11.35 9.31 15.29
CA GLY A 369 10.69 9.69 16.53
C GLY A 369 10.98 8.79 17.71
N ALA A 370 11.60 7.63 17.49
CA ALA A 370 11.87 6.69 18.55
C ALA A 370 13.25 6.86 19.19
N SER A 371 14.13 7.63 18.57
CA SER A 371 15.47 7.84 19.08
C SER A 371 15.81 9.32 19.06
N SER A 372 16.73 9.72 19.95
CA SER A 372 17.17 11.11 20.03
C SER A 372 18.17 11.48 18.95
N ASP A 373 18.68 10.50 18.22
CA ASP A 373 19.67 10.77 17.18
C ASP A 373 19.04 11.58 16.05
N PRO A 374 19.56 12.77 15.73
CA PRO A 374 19.09 13.47 14.52
C PRO A 374 19.41 12.71 13.24
N ASP A 375 20.31 11.73 13.30
CA ASP A 375 20.66 10.89 12.18
C ASP A 375 19.79 9.63 12.11
N ALA A 376 18.63 9.64 12.74
CA ALA A 376 17.77 8.46 12.79
C ALA A 376 16.95 8.37 11.51
N GLY A 377 17.29 7.40 10.66
CA GLY A 377 16.50 7.13 9.48
C GLY A 377 16.78 8.03 8.29
N GLN A 378 18.03 8.50 8.14
CA GLN A 378 18.35 9.29 6.95
C GLN A 378 18.33 8.42 5.71
N ASP A 379 18.80 7.17 5.83
CA ASP A 379 18.89 6.28 4.68
C ASP A 379 17.53 6.11 4.01
N TYR A 380 16.47 5.98 4.80
CA TYR A 380 15.13 5.87 4.22
C TYR A 380 14.70 7.18 3.59
N ARG A 381 14.97 8.31 4.25
CA ARG A 381 14.65 9.61 3.66
C ARG A 381 15.50 9.88 2.43
N GLU A 382 16.80 9.56 2.49
CA GLU A 382 17.67 9.75 1.33
C GLU A 382 17.24 8.85 0.18
N TYR A 383 16.82 7.62 0.49
CA TYR A 383 16.34 6.71 -0.55
C TYR A 383 15.11 7.28 -1.26
N LEU A 384 14.11 7.71 -0.47
CA LEU A 384 12.91 8.29 -1.06
C LEU A 384 13.24 9.53 -1.87
N ASP A 385 14.20 10.33 -1.39
CA ASP A 385 14.58 11.54 -2.10
C ASP A 385 15.32 11.20 -3.39
N THR A 386 16.26 10.25 -3.33
CA THR A 386 16.97 9.82 -4.52
C THR A 386 16.02 9.29 -5.58
N ASN A 387 15.03 8.48 -5.17
CA ASN A 387 14.06 7.96 -6.12
C ASN A 387 13.16 9.07 -6.67
N MET A 388 12.89 10.09 -5.85
CA MET A 388 12.03 11.18 -6.29
C MET A 388 12.67 11.96 -7.43
N GLN A 389 13.96 12.30 -7.29
CA GLN A 389 14.62 13.10 -8.33
C GLN A 389 14.72 12.31 -9.63
N SER A 390 14.98 11.01 -9.54
CA SER A 390 15.08 10.19 -10.73
C SER A 390 13.75 10.13 -11.46
N MET A 391 12.65 9.94 -10.72
N MET A 391 12.65 9.94 -10.72
CA MET A 391 11.33 9.93 -11.35
CA MET A 391 11.33 9.92 -11.35
C MET A 391 10.98 11.29 -11.92
C MET A 391 10.96 11.29 -11.92
N TYR A 392 11.40 12.37 -11.25
CA TYR A 392 11.13 13.71 -11.74
C TYR A 392 11.76 13.94 -13.11
N ALA A 393 13.01 13.52 -13.28
CA ALA A 393 13.78 13.86 -14.47
C ALA A 393 13.57 12.90 -15.62
N ASN A 394 13.37 11.61 -15.34
CA ASN A 394 13.35 10.59 -16.38
C ASN A 394 11.99 9.98 -16.63
N ASP A 395 11.02 10.18 -15.73
CA ASP A 395 9.73 9.50 -15.82
C ASP A 395 8.55 10.46 -15.93
N ARG A 396 8.80 11.75 -16.08
CA ARG A 396 7.73 12.74 -16.06
C ARG A 396 7.27 13.10 -17.47
N SER A 397 6.00 13.46 -17.58
CA SER A 397 5.42 13.97 -18.81
C SER A 397 4.25 14.87 -18.45
N GLU A 398 4.17 16.03 -19.09
CA GLU A 398 3.14 17.02 -18.81
C GLU A 398 1.99 16.89 -19.81
N ILE A 399 0.76 17.02 -19.30
CA ILE A 399 -0.40 17.01 -20.18
C ILE A 399 -0.42 18.31 -20.98
N VAL A 400 -0.91 18.23 -22.22
CA VAL A 400 -0.98 19.39 -23.09
C VAL A 400 -2.26 20.16 -22.77
N PRO A 401 -2.16 21.41 -22.31
CA PRO A 401 -3.36 22.21 -22.11
C PRO A 401 -3.90 22.71 -23.44
N THR A 402 -5.22 22.91 -23.49
CA THR A 402 -5.91 23.32 -24.69
C THR A 402 -6.66 24.63 -24.45
N LEU A 403 -7.24 25.16 -25.52
CA LEU A 403 -8.10 26.34 -25.40
C LEU A 403 -9.36 26.03 -24.60
N PHE A 404 -9.76 24.77 -24.52
CA PHE A 404 -10.97 24.36 -23.82
C PHE A 404 -10.69 23.75 -22.46
N ASP A 405 -9.69 22.86 -22.36
CA ASP A 405 -9.33 22.22 -21.11
C ASP A 405 -8.06 22.86 -20.58
N SER A 406 -8.15 23.48 -19.40
CA SER A 406 -7.01 24.13 -18.76
C SER A 406 -6.41 23.29 -17.66
N SER A 407 -6.67 21.98 -17.65
CA SER A 407 -6.13 21.11 -16.61
C SER A 407 -4.62 20.99 -16.76
N THR A 408 -3.91 21.16 -15.64
CA THR A 408 -2.46 21.04 -15.61
C THR A 408 -2.06 19.98 -14.60
N GLY A 409 -0.92 19.35 -14.85
CA GLY A 409 -0.43 18.31 -13.97
C GLY A 409 0.72 17.57 -14.60
N ASP A 410 1.02 16.39 -14.04
CA ASP A 410 2.12 15.56 -14.51
C ASP A 410 1.66 14.12 -14.63
N LEU A 411 2.16 13.44 -15.66
CA LEU A 411 1.91 12.02 -15.89
C LEU A 411 3.21 11.24 -15.73
N TYR A 412 3.08 9.95 -15.41
CA TYR A 412 4.24 9.14 -15.09
C TYR A 412 4.07 7.71 -15.60
N ASP A 413 5.20 7.09 -15.95
CA ASP A 413 5.24 5.73 -16.45
C ASP A 413 5.66 4.79 -15.32
N VAL A 414 5.88 3.52 -15.65
CA VAL A 414 6.07 2.50 -14.61
C VAL A 414 7.50 2.55 -14.06
N SER A 415 8.49 2.77 -14.90
CA SER A 415 9.89 2.73 -14.48
C SER A 415 10.30 4.10 -13.94
N TRP A 416 10.76 4.12 -12.68
CA TRP A 416 11.19 5.37 -12.07
C TRP A 416 12.53 5.86 -12.58
N SER A 417 13.13 5.19 -13.57
CA SER A 417 14.36 5.64 -14.19
C SER A 417 14.27 5.54 -15.70
N GLY A 418 13.46 4.59 -16.19
CA GLY A 418 13.31 4.40 -17.61
C GLY A 418 12.53 5.54 -18.25
N PRO A 419 12.33 5.43 -19.57
CA PRO A 419 11.65 6.50 -20.29
C PRO A 419 10.15 6.48 -20.07
N PHE A 420 9.52 7.60 -20.42
CA PHE A 420 8.07 7.72 -20.38
C PHE A 420 7.51 7.27 -21.72
N ARG A 421 6.89 6.09 -21.73
CA ARG A 421 6.21 5.61 -22.94
C ARG A 421 4.73 5.99 -22.92
N ASN A 422 4.01 5.57 -21.89
CA ASN A 422 2.62 5.95 -21.71
C ASN A 422 2.37 6.17 -20.22
N ALA A 423 1.14 6.58 -19.90
CA ALA A 423 0.69 6.75 -18.52
C ALA A 423 -0.58 5.94 -18.32
N THR A 424 -0.60 5.13 -17.27
CA THR A 424 -1.79 4.39 -16.86
C THR A 424 -2.14 4.77 -15.43
N MET A 425 -3.38 4.48 -15.03
CA MET A 425 -3.82 4.81 -13.68
C MET A 425 -2.98 4.14 -12.59
N PRO A 426 -2.69 2.83 -12.67
CA PRO A 426 -1.79 2.26 -11.64
C PRO A 426 -0.40 2.88 -11.65
N LYS A 427 0.14 3.18 -12.84
CA LYS A 427 1.41 3.88 -12.90
C LYS A 427 1.32 5.25 -12.24
N GLN A 428 0.21 5.96 -12.46
CA GLN A 428 0.05 7.29 -11.88
C GLN A 428 -0.12 7.22 -10.37
N ALA A 429 -0.88 6.25 -9.87
CA ALA A 429 -1.09 6.12 -8.44
C ALA A 429 0.23 5.83 -7.73
N SER A 430 1.06 4.95 -8.31
CA SER A 430 2.38 4.69 -7.73
C SER A 430 3.22 5.96 -7.72
N ALA A 431 3.11 6.78 -8.77
CA ALA A 431 3.85 8.03 -8.83
C ALA A 431 3.49 8.93 -7.65
N ILE A 432 2.20 9.12 -7.40
CA ILE A 432 1.76 9.99 -6.31
C ILE A 432 2.31 9.49 -4.97
N GLY A 433 2.35 8.17 -4.79
CA GLY A 433 2.84 7.63 -3.53
C GLY A 433 4.28 8.01 -3.24
N LEU A 434 5.11 8.14 -4.28
CA LEU A 434 6.50 8.51 -4.06
C LEU A 434 6.61 9.97 -3.64
N TYR A 435 5.87 10.86 -4.31
CA TYR A 435 5.88 12.27 -3.95
C TYR A 435 5.32 12.48 -2.54
N VAL A 436 4.23 11.80 -2.21
CA VAL A 436 3.64 11.93 -0.89
C VAL A 436 4.57 11.39 0.18
N ALA A 437 5.35 10.35 -0.15
CA ALA A 437 6.31 9.81 0.81
C ALA A 437 7.44 10.79 1.11
N ASN A 438 7.62 11.82 0.28
CA ASN A 438 8.64 12.83 0.49
C ASN A 438 8.09 14.12 1.09
N ILE A 439 6.80 14.17 1.40
CA ILE A 439 6.22 15.35 2.02
C ILE A 439 6.48 15.35 3.51
C1 GOL B . -7.44 -3.41 -19.97
O1 GOL B . -8.03 -3.24 -18.72
C2 GOL B . -6.18 -2.51 -20.01
O2 GOL B . -5.09 -3.13 -19.41
C3 GOL B . -6.59 -1.20 -19.29
O3 GOL B . -5.44 -0.41 -19.20
C1 GOL C . -3.45 -23.36 2.11
O1 GOL C . -4.31 -24.39 1.76
C2 GOL C . -2.43 -23.21 0.95
O2 GOL C . -3.04 -23.27 -0.30
C3 GOL C . -1.73 -21.85 1.20
O3 GOL C . -1.40 -21.29 -0.04
C1 GOL D . -5.56 -7.15 -5.26
O1 GOL D . -6.18 -6.51 -4.18
C2 GOL D . -4.04 -6.94 -5.08
O2 GOL D . -3.62 -7.20 -3.79
C3 GOL D . -3.38 -7.89 -6.12
O3 GOL D . -2.00 -7.71 -6.01
C1 GOL E . 12.42 -24.30 3.60
O1 GOL E . 11.68 -23.39 2.85
C2 GOL E . 13.83 -23.69 3.81
O2 GOL E . 14.46 -23.40 2.60
C3 GOL E . 14.60 -24.72 4.63
O3 GOL E . 15.43 -24.00 5.49
C FMT F . -1.36 0.63 2.40
O1 FMT F . -2.32 1.37 2.59
O2 FMT F . -0.30 0.69 3.00
NA NA G . 5.18 -24.10 8.02
#